data_5Q1U
#
_entry.id   5Q1U
#
_cell.length_a   52.073
_cell.length_b   57.389
_cell.length_c   115.328
_cell.angle_alpha   90.000
_cell.angle_beta   90.000
_cell.angle_gamma   90.000
#
_symmetry.space_group_name_H-M   'P 21 21 21'
#
loop_
_entity.id
_entity.type
_entity.pdbx_description
1 polymer 'DNA cross-link repair 1A protein'
2 non-polymer 'MALONATE ION'
3 non-polymer 'NICKEL (II) ION'
4 non-polymer [(2~{R})-1-[[(1~{R},5~{S})-6,6-dimethyl-2-bicyclo[3.1.1]hept-2-enyl]methyl]pyrrolidin-2-yl]methanol
5 water water
#
_entity_poly.entity_id   1
_entity_poly.type   'polypeptide(L)'
_entity_poly.pdbx_seq_one_letter_code
;KKTCPFYKKIPGTGFTVDAFQYGVVEGCTAYFLTHFHSDHYAGLSKHFTFPVYCSEITGNLLKNKLHVQEQYIHPLPLDT
ECIVNGVKVVLLDANHCPGAVMILFYLPNGTVILHTGDFRADPSMERSLLADQKVHMLYLDTTYCSPEYTFPSQQEVIRF
AINTAFEAVTLNPHALVVCGTYSIGKEKVFLAIADVLGSKVGMSQEKYKTLQCLNIPEINSLITTDMCSSLVHLLPMMQI
NFKGLQSHLKKCGGKYNQILAFRPTGWTHSNKFTRIADVIPQTKGNISIYGIPYSEHSSYLEMKRFVQWLKPQKIIPTVN
VGTWKSRSTMEKYFREWKLEAGY
;
_entity_poly.pdbx_strand_id   A
#
loop_
_chem_comp.id
_chem_comp.type
_chem_comp.name
_chem_comp.formula
AXJ non-polymer [(2~{R})-1-[[(1~{R},5~{S})-6,6-dimethyl-2-bicyclo[3.1.1]hept-2-enyl]methyl]pyrrolidin-2-yl]methanol 'C15 H25 N O'
MLI non-polymer 'MALONATE ION' 'C3 H2 O4 -2'
NI non-polymer 'NICKEL (II) ION' 'Ni 2'
#
# COMPACT_ATOMS: atom_id res chain seq x y z
N THR A 3 7.49 13.35 -20.69
CA THR A 3 8.11 14.29 -19.68
C THR A 3 7.44 14.17 -18.30
N CYS A 4 8.11 14.65 -17.26
CA CYS A 4 7.58 14.57 -15.86
C CYS A 4 6.32 15.42 -15.69
N PRO A 5 5.18 14.81 -15.28
CA PRO A 5 3.95 15.58 -15.18
C PRO A 5 3.97 16.60 -14.03
N PHE A 6 3.18 17.65 -14.16
CA PHE A 6 3.12 18.72 -13.15
C PHE A 6 2.77 18.20 -11.75
N TYR A 7 1.87 17.21 -11.68
CA TYR A 7 1.42 16.64 -10.39
C TYR A 7 2.48 15.85 -9.63
N LYS A 8 3.65 15.65 -10.23
CA LYS A 8 4.83 15.08 -9.54
C LYS A 8 5.88 16.11 -9.11
N LYS A 9 5.67 17.39 -9.42
CA LYS A 9 6.61 18.44 -9.06
C LYS A 9 6.07 19.26 -7.89
N ILE A 10 6.97 19.73 -7.01
CA ILE A 10 6.58 20.52 -5.82
C ILE A 10 7.04 21.98 -6.09
N PRO A 11 6.08 22.87 -6.36
CA PRO A 11 6.47 24.23 -6.79
C PRO A 11 7.17 25.03 -5.69
N GLY A 12 8.18 25.79 -6.06
CA GLY A 12 8.95 26.61 -5.12
C GLY A 12 10.08 25.83 -4.46
N THR A 13 10.30 24.60 -4.93
CA THR A 13 11.35 23.74 -4.41
C THR A 13 12.12 23.08 -5.55
N GLY A 14 13.24 22.45 -5.17
CA GLY A 14 13.93 21.48 -6.02
C GLY A 14 13.44 20.05 -5.84
N PHE A 15 12.19 19.85 -5.39
CA PHE A 15 11.74 18.49 -5.09
C PHE A 15 10.78 17.87 -6.11
N THR A 16 10.94 16.56 -6.34
CA THR A 16 9.90 15.76 -7.01
C THR A 16 9.48 14.61 -6.07
N VAL A 17 8.31 14.06 -6.40
CA VAL A 17 7.73 12.94 -5.65
C VAL A 17 7.42 11.80 -6.65
N ASP A 18 7.94 10.61 -6.35
CA ASP A 18 7.66 9.38 -7.14
C ASP A 18 7.95 9.58 -8.67
N ALA A 19 9.12 10.19 -8.92
CA ALA A 19 9.51 10.65 -10.28
C ALA A 19 10.89 10.12 -10.73
N PHE A 20 10.98 8.80 -10.84
CA PHE A 20 12.25 8.11 -11.08
C PHE A 20 12.39 7.55 -12.49
N GLN A 21 11.36 7.72 -13.33
CA GLN A 21 11.33 7.10 -14.69
C GLN A 21 11.58 8.08 -15.86
N TYR A 22 12.06 9.29 -15.54
CA TYR A 22 12.16 10.41 -16.48
C TYR A 22 13.61 10.87 -16.70
N GLY A 23 14.57 10.03 -16.35
CA GLY A 23 15.99 10.44 -16.30
C GLY A 23 16.26 11.48 -15.23
N VAL A 24 17.26 12.32 -15.49
CA VAL A 24 17.64 13.42 -14.60
C VAL A 24 16.62 14.56 -14.80
N VAL A 25 15.79 14.85 -13.80
CA VAL A 25 14.78 15.90 -13.91
C VAL A 25 15.47 17.25 -13.66
N GLU A 26 15.39 18.17 -14.62
CA GLU A 26 16.10 19.47 -14.53
C GLU A 26 15.59 20.25 -13.34
N GLY A 27 16.52 20.66 -12.46
CA GLY A 27 16.20 21.39 -11.24
C GLY A 27 16.06 20.54 -9.99
N CYS A 28 15.94 19.23 -10.13
CA CYS A 28 15.69 18.37 -8.97
C CYS A 28 16.94 18.09 -8.12
N THR A 29 16.95 18.61 -6.90
CA THR A 29 18.02 18.38 -5.93
C THR A 29 17.73 17.25 -4.91
N ALA A 30 16.46 16.82 -4.82
CA ALA A 30 16.04 15.72 -3.94
C ALA A 30 14.81 15.02 -4.51
N TYR A 31 14.91 13.70 -4.63
CA TYR A 31 13.83 12.83 -5.15
C TYR A 31 13.17 12.11 -3.95
N PHE A 32 11.91 12.43 -3.68
CA PHE A 32 11.18 11.71 -2.61
C PHE A 32 10.49 10.48 -3.18
N LEU A 33 10.48 9.39 -2.38
CA LEU A 33 9.75 8.17 -2.71
C LEU A 33 8.75 7.87 -1.58
N THR A 34 7.45 7.90 -1.89
CA THR A 34 6.41 7.72 -0.86
C THR A 34 6.32 6.27 -0.34
N HIS A 35 6.56 5.28 -1.23
CA HIS A 35 6.44 3.87 -0.85
C HIS A 35 7.01 2.94 -1.91
N PHE A 36 7.31 1.70 -1.48
CA PHE A 36 7.90 0.66 -2.33
C PHE A 36 6.88 -0.15 -3.13
N HIS A 37 6.15 0.53 -4.03
CA HIS A 37 5.30 -0.11 -5.06
C HIS A 37 5.86 0.26 -6.43
N SER A 38 5.90 -0.72 -7.35
CA SER A 38 6.70 -0.57 -8.58
C SER A 38 6.29 0.58 -9.52
N ASP A 39 4.99 0.92 -9.60
CA ASP A 39 4.57 2.07 -10.42
C ASP A 39 5.18 3.38 -9.87
N HIS A 40 5.46 3.42 -8.57
CA HIS A 40 6.02 4.61 -7.92
C HIS A 40 7.55 4.67 -7.92
N TYR A 41 8.21 3.50 -7.79
CA TYR A 41 9.69 3.45 -7.85
C TYR A 41 10.23 3.22 -9.27
N ALA A 42 9.33 3.07 -10.27
CA ALA A 42 9.73 2.77 -11.67
C ALA A 42 10.87 3.65 -12.13
N GLY A 43 11.96 3.02 -12.55
CA GLY A 43 13.17 3.73 -12.98
C GLY A 43 14.36 3.64 -12.02
N LEU A 44 14.10 3.51 -10.72
CA LEU A 44 15.18 3.29 -9.72
C LEU A 44 15.81 1.96 -9.93
N SER A 45 17.12 1.90 -9.68
CA SER A 45 17.96 0.75 -10.01
C SER A 45 19.27 0.94 -9.26
N LYS A 46 20.17 -0.04 -9.34
CA LYS A 46 21.44 0.11 -8.61
C LYS A 46 22.38 1.25 -9.09
N HIS A 47 22.10 1.82 -10.26
CA HIS A 47 22.98 2.86 -10.85
C HIS A 47 22.47 4.29 -10.63
N PHE A 48 21.44 4.44 -9.80
CA PHE A 48 20.92 5.79 -9.44
C PHE A 48 21.94 6.56 -8.56
N THR A 49 22.20 7.84 -8.90
CA THR A 49 23.22 8.64 -8.19
C THR A 49 22.75 10.04 -7.74
N PHE A 50 21.50 10.13 -7.31
CA PHE A 50 20.96 11.33 -6.69
C PHE A 50 20.34 10.98 -5.35
N PRO A 51 20.19 11.98 -4.47
CA PRO A 51 19.67 11.68 -3.13
C PRO A 51 18.19 11.28 -3.16
N VAL A 52 17.88 10.20 -2.44
CA VAL A 52 16.50 9.70 -2.29
C VAL A 52 16.05 9.82 -0.84
N TYR A 53 14.93 10.52 -0.61
CA TYR A 53 14.37 10.69 0.72
C TYR A 53 13.11 9.83 0.88
N CYS A 54 13.05 9.12 2.00
CA CYS A 54 12.03 8.07 2.24
C CYS A 54 11.96 7.65 3.70
N SER A 55 11.02 6.76 4.04
CA SER A 55 10.96 6.13 5.35
C SER A 55 12.11 5.12 5.53
N GLU A 56 12.37 4.73 6.77
CA GLU A 56 13.35 3.69 7.10
C GLU A 56 13.03 2.36 6.37
N ILE A 57 11.76 1.96 6.40
CA ILE A 57 11.35 0.69 5.76
C ILE A 57 11.57 0.73 4.25
N THR A 58 11.15 1.83 3.62
CA THR A 58 11.37 1.98 2.18
C THR A 58 12.88 1.93 1.86
N GLY A 59 13.69 2.55 2.71
CA GLY A 59 15.15 2.53 2.54
C GLY A 59 15.75 1.13 2.63
N ASN A 60 15.25 0.32 3.57
CA ASN A 60 15.67 -1.11 3.69
C ASN A 60 15.40 -1.87 2.39
N LEU A 61 14.24 -1.63 1.78
CA LEU A 61 13.87 -2.24 0.51
C LEU A 61 14.72 -1.75 -0.69
N LEU A 62 14.96 -0.45 -0.76
CA LEU A 62 15.84 0.10 -1.79
C LEU A 62 17.24 -0.53 -1.76
N LYS A 63 17.80 -0.65 -0.55
CA LYS A 63 19.12 -1.23 -0.39
C LYS A 63 19.17 -2.72 -0.76
N ASN A 64 18.24 -3.50 -0.21
CA ASN A 64 18.34 -4.97 -0.28
C ASN A 64 17.70 -5.60 -1.51
N LYS A 65 16.62 -4.98 -2.01
CA LYS A 65 15.88 -5.49 -3.18
C LYS A 65 16.29 -4.84 -4.50
N LEU A 66 16.43 -3.51 -4.53
CA LEU A 66 16.87 -2.80 -5.76
C LEU A 66 18.38 -2.53 -5.86
N HIS A 67 19.10 -2.72 -4.75
N HIS A 67 19.11 -2.74 -4.78
CA HIS A 67 20.55 -2.50 -4.63
CA HIS A 67 20.55 -2.61 -4.76
C HIS A 67 21.04 -1.11 -4.86
C HIS A 67 21.02 -1.14 -4.93
N VAL A 68 20.21 -0.16 -4.46
CA VAL A 68 20.59 1.26 -4.47
C VAL A 68 21.73 1.41 -3.46
N GLN A 69 22.79 2.16 -3.81
CA GLN A 69 23.90 2.35 -2.87
C GLN A 69 23.50 3.15 -1.66
N GLU A 70 24.02 2.71 -0.53
CA GLU A 70 23.76 3.30 0.78
C GLU A 70 23.96 4.81 0.83
N GLN A 71 24.99 5.31 0.14
CA GLN A 71 25.30 6.75 0.15
C GLN A 71 24.19 7.67 -0.41
N TYR A 72 23.27 7.11 -1.21
CA TYR A 72 22.16 7.89 -1.80
C TYR A 72 20.80 7.71 -1.09
N ILE A 73 20.76 6.85 -0.07
CA ILE A 73 19.51 6.59 0.69
C ILE A 73 19.46 7.45 1.95
N HIS A 74 18.49 8.36 1.99
CA HIS A 74 18.27 9.24 3.15
C HIS A 74 16.96 8.92 3.89
N PRO A 75 17.00 7.97 4.84
CA PRO A 75 15.78 7.67 5.61
C PRO A 75 15.47 8.79 6.63
N LEU A 76 14.20 9.14 6.79
CA LEU A 76 13.72 10.09 7.81
C LEU A 76 12.72 9.44 8.76
N PRO A 77 12.79 9.78 10.06
CA PRO A 77 11.78 9.30 10.99
C PRO A 77 10.43 9.93 10.73
N LEU A 78 9.37 9.26 11.13
CA LEU A 78 8.02 9.81 11.02
C LEU A 78 7.75 10.82 12.13
N ASP A 79 6.74 11.64 11.89
CA ASP A 79 6.18 12.55 12.90
C ASP A 79 7.18 13.52 13.50
N THR A 80 8.18 13.90 12.69
CA THR A 80 9.33 14.70 13.14
C THR A 80 9.67 15.79 12.14
N GLU A 81 9.76 17.05 12.60
CA GLU A 81 10.17 18.14 11.72
C GLU A 81 11.65 17.97 11.32
N CYS A 82 11.92 17.92 10.01
CA CYS A 82 13.26 17.71 9.44
C CYS A 82 13.53 18.82 8.43
N ILE A 83 14.78 19.27 8.31
CA ILE A 83 15.16 20.21 7.24
C ILE A 83 15.90 19.45 6.13
N VAL A 84 15.41 19.57 4.90
CA VAL A 84 16.02 18.99 3.70
C VAL A 84 16.27 20.10 2.67
N ASN A 85 17.56 20.27 2.27
CA ASN A 85 17.97 21.33 1.32
C ASN A 85 17.29 22.66 1.65
N GLY A 86 17.32 23.01 2.94
CA GLY A 86 16.77 24.28 3.41
C GLY A 86 15.27 24.42 3.56
N VAL A 87 14.52 23.31 3.46
CA VAL A 87 13.05 23.32 3.52
C VAL A 87 12.58 22.33 4.62
N LYS A 88 11.70 22.80 5.50
CA LYS A 88 11.07 21.95 6.54
C LYS A 88 10.05 20.96 5.91
N VAL A 89 10.23 19.69 6.24
CA VAL A 89 9.35 18.59 5.82
C VAL A 89 9.01 17.69 7.02
N VAL A 90 7.85 17.03 6.93
CA VAL A 90 7.40 15.99 7.87
C VAL A 90 6.87 14.79 7.06
N LEU A 91 7.27 13.58 7.47
CA LEU A 91 6.67 12.34 6.97
C LEU A 91 5.60 11.83 7.95
N LEU A 92 4.44 11.46 7.41
CA LEU A 92 3.30 10.96 8.17
C LEU A 92 2.92 9.56 7.70
N ASP A 93 2.42 8.72 8.60
CA ASP A 93 1.95 7.40 8.19
C ASP A 93 0.76 7.50 7.21
N ALA A 94 0.86 6.83 6.05
CA ALA A 94 -0.20 6.86 5.03
C ALA A 94 -1.29 5.78 5.19
N ASN A 95 -1.14 4.86 6.15
CA ASN A 95 -2.08 3.73 6.28
C ASN A 95 -2.29 3.03 4.92
N HIS A 96 -1.18 2.75 4.22
CA HIS A 96 -1.19 2.04 2.92
C HIS A 96 -0.46 0.71 3.16
N CYS A 97 0.72 0.50 2.58
CA CYS A 97 1.56 -0.69 2.79
C CYS A 97 2.68 -0.33 3.82
N PRO A 98 3.47 -1.33 4.26
CA PRO A 98 4.57 -1.01 5.17
C PRO A 98 5.55 0.01 4.58
N GLY A 99 5.91 1.01 5.40
CA GLY A 99 6.81 2.07 5.00
C GLY A 99 6.23 3.23 4.21
N ALA A 100 4.93 3.16 3.87
CA ALA A 100 4.30 4.18 3.05
C ALA A 100 4.02 5.44 3.87
N VAL A 101 4.33 6.58 3.27
CA VAL A 101 4.20 7.90 3.91
C VAL A 101 3.44 8.91 3.05
N MET A 102 2.85 9.89 3.74
CA MET A 102 2.45 11.20 3.19
C MET A 102 3.59 12.17 3.54
N ILE A 103 3.76 13.23 2.72
CA ILE A 103 4.80 14.23 2.92
C ILE A 103 4.19 15.64 3.05
N LEU A 104 4.48 16.31 4.17
CA LEU A 104 4.10 17.72 4.41
C LEU A 104 5.30 18.61 4.09
N PHE A 105 5.12 19.54 3.15
CA PHE A 105 6.16 20.51 2.77
C PHE A 105 5.78 21.92 3.24
N TYR A 106 6.70 22.58 3.94
CA TYR A 106 6.52 23.95 4.43
C TYR A 106 7.39 24.87 3.55
N LEU A 107 6.79 25.45 2.50
CA LEU A 107 7.53 26.23 1.52
C LEU A 107 8.10 27.51 2.12
N PRO A 108 9.27 27.97 1.62
CA PRO A 108 9.83 29.20 2.13
C PRO A 108 8.86 30.40 2.07
N ASN A 109 7.97 30.46 1.07
CA ASN A 109 7.04 31.59 0.96
C ASN A 109 5.78 31.53 1.88
N GLY A 110 5.63 30.48 2.69
CA GLY A 110 4.51 30.36 3.67
C GLY A 110 3.39 29.39 3.27
N THR A 111 3.43 28.94 2.04
CA THR A 111 2.51 27.93 1.52
C THR A 111 2.86 26.57 2.17
N VAL A 112 1.82 25.80 2.49
CA VAL A 112 1.96 24.44 3.04
C VAL A 112 1.24 23.46 2.08
N ILE A 113 1.98 22.41 1.69
CA ILE A 113 1.48 21.39 0.74
C ILE A 113 1.54 20.00 1.39
N LEU A 114 0.44 19.24 1.26
CA LEU A 114 0.40 17.81 1.60
C LEU A 114 0.33 16.96 0.35
N HIS A 115 1.28 16.02 0.21
CA HIS A 115 1.25 14.98 -0.81
C HIS A 115 0.90 13.66 -0.12
N THR A 116 -0.26 13.09 -0.44
CA THR A 116 -0.69 11.88 0.26
C THR A 116 0.04 10.60 -0.14
N GLY A 117 0.81 10.62 -1.23
CA GLY A 117 1.24 9.34 -1.82
C GLY A 117 0.00 8.52 -2.08
N ASP A 118 0.12 7.20 -1.93
CA ASP A 118 -1.05 6.30 -1.84
C ASP A 118 -1.45 6.24 -0.34
N PHE A 119 -2.74 6.36 -0.06
CA PHE A 119 -3.22 6.33 1.35
C PHE A 119 -4.59 5.72 1.48
N ARG A 120 -4.89 5.24 2.68
CA ARG A 120 -6.28 4.94 3.08
C ARG A 120 -6.66 5.88 4.25
N ALA A 121 -7.40 6.94 3.90
CA ALA A 121 -7.78 7.95 4.87
C ALA A 121 -8.42 7.34 6.12
N ASP A 122 -8.06 7.90 7.29
CA ASP A 122 -8.61 7.43 8.56
C ASP A 122 -8.81 8.63 9.49
N PRO A 123 -9.85 8.59 10.36
CA PRO A 123 -10.05 9.71 11.31
C PRO A 123 -8.83 9.96 12.23
N SER A 124 -8.02 8.93 12.50
CA SER A 124 -6.81 9.12 13.32
C SER A 124 -5.79 10.09 12.71
N MET A 125 -5.88 10.31 11.39
CA MET A 125 -5.02 11.31 10.73
C MET A 125 -5.33 12.75 11.12
N GLU A 126 -6.52 12.95 11.70
CA GLU A 126 -6.96 14.24 12.15
C GLU A 126 -6.20 14.64 13.45
N ARG A 127 -5.37 13.72 14.03
CA ARG A 127 -4.52 13.96 15.24
C ARG A 127 -3.03 13.66 14.98
N SER A 128 -2.41 14.53 14.20
CA SER A 128 -1.00 14.48 13.91
C SER A 128 -0.60 15.91 13.71
N LEU A 129 0.66 16.12 13.33
CA LEU A 129 1.13 17.46 12.94
C LEU A 129 0.26 18.09 11.83
N LEU A 130 -0.50 17.29 11.09
CA LEU A 130 -1.45 17.83 10.08
C LEU A 130 -2.41 18.86 10.58
N ALA A 131 -2.85 18.68 11.82
CA ALA A 131 -3.84 19.56 12.39
C ALA A 131 -3.28 20.91 12.89
N ASP A 132 -1.95 21.09 12.92
CA ASP A 132 -1.30 22.25 13.59
C ASP A 132 -1.30 23.56 12.81
N GLN A 133 -1.62 23.49 11.52
CA GLN A 133 -1.60 24.64 10.62
C GLN A 133 -2.48 24.35 9.40
N LYS A 134 -2.84 25.41 8.70
CA LYS A 134 -3.59 25.37 7.47
C LYS A 134 -2.75 24.73 6.36
N VAL A 135 -3.40 23.90 5.54
CA VAL A 135 -2.81 23.29 4.36
C VAL A 135 -3.47 23.88 3.10
N HIS A 136 -2.67 24.49 2.23
CA HIS A 136 -3.18 25.20 1.07
C HIS A 136 -3.40 24.33 -0.14
N MET A 137 -2.48 23.40 -0.40
CA MET A 137 -2.57 22.52 -1.59
C MET A 137 -2.44 21.05 -1.19
N LEU A 138 -3.29 20.23 -1.80
CA LEU A 138 -3.38 18.78 -1.52
C LEU A 138 -3.18 18.00 -2.84
N TYR A 139 -2.14 17.17 -2.88
CA TYR A 139 -1.87 16.24 -3.99
C TYR A 139 -2.43 14.89 -3.53
N LEU A 140 -3.58 14.52 -4.11
CA LEU A 140 -4.49 13.53 -3.53
C LEU A 140 -4.56 12.19 -4.27
N ASP A 141 -4.39 11.09 -3.56
CA ASP A 141 -4.66 9.73 -4.09
C ASP A 141 -6.17 9.57 -4.31
N THR A 142 -6.58 9.68 -5.58
CA THR A 142 -7.99 9.65 -6.00
C THR A 142 -8.41 8.29 -6.64
N THR A 143 -7.68 7.21 -6.32
CA THR A 143 -7.91 5.88 -6.93
C THR A 143 -9.40 5.51 -7.00
N TYR A 144 -10.12 5.64 -5.86
CA TYR A 144 -11.52 5.24 -5.75
C TYR A 144 -12.49 6.44 -5.52
N CYS A 145 -12.23 7.56 -6.23
CA CYS A 145 -13.04 8.78 -6.12
C CYS A 145 -14.37 8.71 -6.91
N SER A 146 -15.25 7.79 -6.50
CA SER A 146 -16.61 7.65 -7.07
C SER A 146 -17.48 6.92 -6.07
N PRO A 147 -18.75 7.34 -5.90
CA PRO A 147 -19.54 6.82 -4.77
C PRO A 147 -19.87 5.32 -4.76
N GLU A 148 -19.75 4.66 -5.89
CA GLU A 148 -19.93 3.19 -5.88
C GLU A 148 -18.89 2.46 -5.06
N TYR A 149 -17.76 3.10 -4.75
CA TYR A 149 -16.70 2.44 -4.00
C TYR A 149 -16.92 2.52 -2.52
N THR A 150 -17.62 1.50 -2.03
CA THR A 150 -17.81 1.27 -0.63
C THR A 150 -16.95 0.04 -0.37
N PHE A 151 -16.24 0.02 0.74
CA PHE A 151 -15.76 -1.28 1.14
C PHE A 151 -15.73 -1.39 2.64
N PRO A 152 -15.71 -2.64 3.11
CA PRO A 152 -15.73 -2.89 4.54
C PRO A 152 -14.45 -2.43 5.21
N SER A 153 -14.49 -2.33 6.53
CA SER A 153 -13.27 -2.06 7.26
C SER A 153 -12.28 -3.24 7.05
N GLN A 154 -10.99 -2.95 7.16
CA GLN A 154 -9.97 -4.01 7.18
C GLN A 154 -10.25 -5.05 8.29
N GLN A 155 -10.69 -4.58 9.49
CA GLN A 155 -11.01 -5.50 10.58
C GLN A 155 -12.11 -6.49 10.19
N GLU A 156 -13.17 -6.02 9.53
CA GLU A 156 -14.30 -6.90 9.11
C GLU A 156 -13.81 -7.97 8.12
N VAL A 157 -12.96 -7.56 7.19
CA VAL A 157 -12.46 -8.48 6.17
C VAL A 157 -11.57 -9.57 6.80
N ILE A 158 -10.70 -9.17 7.71
CA ILE A 158 -9.85 -10.13 8.42
C ILE A 158 -10.66 -11.11 9.29
N ARG A 159 -11.70 -10.62 9.96
CA ARG A 159 -12.59 -11.50 10.74
C ARG A 159 -13.18 -12.59 9.81
N PHE A 160 -13.65 -12.19 8.63
CA PHE A 160 -14.19 -13.16 7.66
C PHE A 160 -13.15 -14.20 7.23
N ALA A 161 -11.93 -13.75 6.95
CA ALA A 161 -10.85 -14.65 6.52
C ALA A 161 -10.45 -15.65 7.61
N ILE A 162 -10.21 -15.15 8.84
CA ILE A 162 -9.87 -16.01 10.02
C ILE A 162 -10.97 -17.08 10.20
N ASN A 163 -12.23 -16.63 10.23
CA ASN A 163 -13.37 -17.57 10.52
C ASN A 163 -13.50 -18.65 9.43
N THR A 164 -13.38 -18.23 8.18
CA THR A 164 -13.44 -19.12 7.00
C THR A 164 -12.33 -20.18 7.03
N ALA A 165 -11.10 -19.75 7.27
CA ALA A 165 -9.97 -20.67 7.30
C ALA A 165 -10.03 -21.61 8.50
N PHE A 166 -10.33 -21.09 9.68
CA PHE A 166 -10.42 -21.94 10.88
C PHE A 166 -11.51 -23.01 10.72
N GLU A 167 -12.67 -22.63 10.21
CA GLU A 167 -13.75 -23.61 10.00
C GLU A 167 -13.30 -24.71 9.03
N ALA A 168 -12.72 -24.33 7.88
CA ALA A 168 -12.33 -25.32 6.85
C ALA A 168 -11.29 -26.33 7.33
N VAL A 169 -10.28 -25.85 8.07
CA VAL A 169 -9.18 -26.67 8.51
C VAL A 169 -9.57 -27.51 9.73
N THR A 170 -10.46 -27.00 10.57
CA THR A 170 -11.00 -27.80 11.69
C THR A 170 -11.88 -28.94 11.14
N LEU A 171 -12.64 -28.68 10.07
CA LEU A 171 -13.42 -29.77 9.45
C LEU A 171 -12.50 -30.81 8.75
N ASN A 172 -11.48 -30.32 8.04
CA ASN A 172 -10.50 -31.17 7.33
C ASN A 172 -9.06 -30.78 7.65
N PRO A 173 -8.44 -31.46 8.65
CA PRO A 173 -7.05 -31.19 9.00
C PRO A 173 -6.02 -31.37 7.88
N HIS A 174 -6.40 -32.05 6.80
CA HIS A 174 -5.57 -32.20 5.58
C HIS A 174 -5.81 -31.16 4.48
N ALA A 175 -6.49 -30.06 4.83
CA ALA A 175 -6.62 -28.90 3.93
C ALA A 175 -5.42 -27.96 4.07
N LEU A 176 -4.94 -27.46 2.94
CA LEU A 176 -3.92 -26.40 2.87
C LEU A 176 -4.56 -25.06 2.59
N VAL A 177 -4.08 -24.00 3.27
CA VAL A 177 -4.47 -22.63 2.91
C VAL A 177 -3.38 -21.97 2.08
N VAL A 178 -3.76 -21.35 0.95
CA VAL A 178 -2.83 -20.57 0.11
C VAL A 178 -3.30 -19.11 -0.03
N CYS A 179 -2.38 -18.15 0.07
N CYS A 179 -2.38 -18.16 0.10
CA CYS A 179 -2.68 -16.72 -0.06
CA CYS A 179 -2.66 -16.75 -0.09
C CYS A 179 -1.81 -16.11 -1.15
C CYS A 179 -1.84 -16.26 -1.28
N GLY A 180 -2.43 -15.38 -2.08
CA GLY A 180 -1.70 -14.73 -3.20
C GLY A 180 -1.09 -13.39 -2.80
N THR A 181 0.08 -13.08 -3.38
CA THR A 181 0.77 -11.79 -3.21
C THR A 181 1.54 -11.39 -4.50
N TYR A 182 1.68 -10.09 -4.78
CA TYR A 182 2.57 -9.62 -5.90
C TYR A 182 3.32 -8.31 -5.66
N SER A 183 3.26 -7.86 -4.42
CA SER A 183 3.86 -6.64 -3.96
C SER A 183 3.79 -6.72 -2.43
N ILE A 184 4.43 -5.78 -1.75
CA ILE A 184 4.24 -5.56 -0.31
C ILE A 184 2.83 -4.93 -0.09
N GLY A 185 2.36 -5.01 1.14
CA GLY A 185 1.01 -4.66 1.52
C GLY A 185 0.13 -5.88 1.81
N LYS A 186 -0.88 -5.66 2.64
CA LYS A 186 -1.93 -6.63 2.93
C LYS A 186 -1.37 -7.87 3.68
N GLU A 187 -0.25 -7.70 4.36
CA GLU A 187 0.36 -8.81 5.14
C GLU A 187 -0.55 -9.33 6.24
N LYS A 188 -1.43 -8.48 6.79
CA LYS A 188 -2.37 -8.93 7.86
C LYS A 188 -3.21 -10.14 7.41
N VAL A 189 -3.54 -10.23 6.12
CA VAL A 189 -4.38 -11.34 5.64
C VAL A 189 -3.71 -12.71 5.95
N PHE A 190 -2.46 -12.91 5.50
CA PHE A 190 -1.80 -14.21 5.70
C PHE A 190 -1.31 -14.35 7.16
N LEU A 191 -0.89 -13.25 7.80
CA LEU A 191 -0.45 -13.34 9.20
C LEU A 191 -1.61 -13.74 10.15
N ALA A 192 -2.78 -13.15 9.96
CA ALA A 192 -3.94 -13.45 10.82
C ALA A 192 -4.44 -14.88 10.64
N ILE A 193 -4.49 -15.36 9.41
CA ILE A 193 -4.89 -16.75 9.15
C ILE A 193 -3.89 -17.72 9.78
N ALA A 194 -2.59 -17.51 9.57
CA ALA A 194 -1.59 -18.43 10.13
C ALA A 194 -1.64 -18.45 11.66
N ASP A 195 -1.88 -17.28 12.26
CA ASP A 195 -2.00 -17.19 13.73
C ASP A 195 -3.19 -18.04 14.29
N VAL A 196 -4.36 -17.98 13.65
CA VAL A 196 -5.51 -18.78 14.13
C VAL A 196 -5.30 -20.28 13.94
N LEU A 197 -4.48 -20.65 12.96
CA LEU A 197 -4.19 -22.07 12.67
C LEU A 197 -2.94 -22.59 13.38
N GLY A 198 -2.26 -21.75 14.18
CA GLY A 198 -1.10 -22.20 14.95
C GLY A 198 0.09 -22.60 14.10
N SER A 199 0.29 -21.85 13.01
CA SER A 199 1.29 -22.15 12.00
C SER A 199 2.13 -20.92 11.67
N LYS A 200 3.37 -21.17 11.21
CA LYS A 200 4.12 -20.12 10.47
C LYS A 200 3.63 -20.09 9.02
N VAL A 201 3.91 -18.99 8.33
CA VAL A 201 3.60 -18.85 6.92
C VAL A 201 4.83 -19.23 6.13
N GLY A 202 4.68 -20.19 5.21
CA GLY A 202 5.75 -20.60 4.29
C GLY A 202 5.77 -19.87 2.96
N MET A 203 6.97 -19.59 2.44
CA MET A 203 7.10 -18.81 1.21
C MET A 203 8.45 -19.01 0.58
N SER A 204 8.62 -18.51 -0.64
CA SER A 204 9.91 -18.50 -1.36
C SER A 204 10.98 -17.70 -0.64
N GLN A 205 12.23 -17.98 -0.99
CA GLN A 205 13.36 -17.20 -0.48
C GLN A 205 13.26 -15.71 -0.84
N GLU A 206 12.78 -15.40 -2.04
CA GLU A 206 12.66 -13.98 -2.47
C GLU A 206 11.62 -13.24 -1.65
N LYS A 207 10.47 -13.89 -1.38
CA LYS A 207 9.41 -13.22 -0.59
C LYS A 207 9.84 -13.09 0.87
N TYR A 208 10.52 -14.13 1.39
CA TYR A 208 11.08 -14.08 2.75
C TYR A 208 12.02 -12.87 2.95
N LYS A 209 12.92 -12.67 1.98
CA LYS A 209 13.83 -11.51 2.01
C LYS A 209 13.07 -10.19 2.08
N THR A 210 12.06 -10.06 1.25
CA THR A 210 11.20 -8.85 1.23
C THR A 210 10.58 -8.61 2.63
N LEU A 211 9.98 -9.63 3.22
CA LEU A 211 9.35 -9.47 4.53
C LEU A 211 10.34 -9.18 5.65
N GLN A 212 11.57 -9.72 5.54
CA GLN A 212 12.64 -9.41 6.53
C GLN A 212 13.11 -7.91 6.51
N CYS A 213 12.74 -7.15 5.47
CA CYS A 213 12.98 -5.67 5.40
C CYS A 213 11.93 -4.74 6.08
N LEU A 214 10.82 -5.30 6.59
CA LEU A 214 9.65 -4.51 6.98
C LEU A 214 9.51 -4.09 8.45
N ASN A 215 10.50 -4.39 9.28
CA ASN A 215 10.41 -4.08 10.73
C ASN A 215 9.09 -4.55 11.44
N ILE A 216 8.59 -5.71 11.07
CA ILE A 216 7.44 -6.30 11.74
C ILE A 216 7.95 -6.96 13.03
N PRO A 217 7.36 -6.59 14.19
CA PRO A 217 7.78 -7.20 15.46
C PRO A 217 7.67 -8.73 15.47
N GLU A 218 8.67 -9.36 16.09
CA GLU A 218 8.71 -10.83 16.23
C GLU A 218 8.52 -11.58 14.90
N ILE A 219 8.95 -10.99 13.78
CA ILE A 219 8.78 -11.61 12.46
C ILE A 219 9.38 -13.03 12.36
N ASN A 220 10.50 -13.28 13.03
CA ASN A 220 11.15 -14.61 12.97
C ASN A 220 10.25 -15.73 13.53
N SER A 221 9.35 -15.37 14.46
CA SER A 221 8.36 -16.30 15.00
C SER A 221 7.16 -16.56 14.06
N LEU A 222 7.01 -15.77 12.99
CA LEU A 222 5.80 -15.82 12.15
C LEU A 222 5.94 -16.39 10.72
N ILE A 223 7.16 -16.35 10.14
CA ILE A 223 7.39 -16.74 8.74
C ILE A 223 8.54 -17.72 8.59
N THR A 224 8.57 -18.42 7.47
CA THR A 224 9.61 -19.47 7.26
C THR A 224 9.79 -19.78 5.78
N THR A 225 10.95 -20.30 5.40
CA THR A 225 11.18 -20.83 4.03
C THR A 225 10.94 -22.35 3.92
N ASP A 226 10.63 -22.99 5.05
CA ASP A 226 10.40 -24.44 5.07
C ASP A 226 8.92 -24.69 4.81
N MET A 227 8.58 -24.92 3.53
CA MET A 227 7.18 -25.08 3.12
C MET A 227 6.53 -26.27 3.83
N CYS A 228 7.29 -27.35 4.00
CA CYS A 228 6.76 -28.58 4.60
C CYS A 228 6.28 -28.42 6.04
N SER A 229 6.88 -27.51 6.80
CA SER A 229 6.49 -27.30 8.20
C SER A 229 5.20 -26.47 8.34
N SER A 230 4.79 -25.80 7.27
CA SER A 230 3.76 -24.75 7.31
C SER A 230 2.44 -25.22 6.67
N LEU A 231 1.30 -24.84 7.26
CA LEU A 231 0.01 -25.09 6.59
C LEU A 231 -0.69 -23.86 6.00
N VAL A 232 0.05 -22.74 5.91
CA VAL A 232 -0.35 -21.56 5.14
C VAL A 232 0.81 -21.24 4.21
N HIS A 233 0.59 -21.33 2.89
CA HIS A 233 1.63 -21.00 1.90
C HIS A 233 1.31 -19.70 1.13
N LEU A 234 2.35 -18.91 0.84
CA LEU A 234 2.21 -17.79 -0.10
C LEU A 234 2.68 -18.16 -1.50
N LEU A 235 1.90 -17.77 -2.50
CA LEU A 235 2.30 -17.91 -3.90
C LEU A 235 2.12 -16.60 -4.66
N PRO A 236 2.83 -16.43 -5.79
CA PRO A 236 2.55 -15.31 -6.67
C PRO A 236 1.06 -15.23 -7.05
N MET A 237 0.53 -14.02 -7.08
CA MET A 237 -0.91 -13.80 -7.43
C MET A 237 -1.33 -14.46 -8.75
N MET A 238 -0.43 -14.49 -9.74
CA MET A 238 -0.68 -15.17 -11.03
C MET A 238 -0.95 -16.67 -10.95
N GLN A 239 -0.48 -17.32 -9.88
CA GLN A 239 -0.68 -18.75 -9.67
C GLN A 239 -2.02 -19.05 -8.96
N ILE A 240 -2.76 -18.02 -8.52
CA ILE A 240 -4.02 -18.24 -7.79
C ILE A 240 -5.19 -18.44 -8.79
N ASN A 241 -5.22 -19.67 -9.31
CA ASN A 241 -6.22 -20.15 -10.28
C ASN A 241 -6.22 -21.67 -10.24
N PHE A 242 -7.22 -22.31 -10.85
CA PHE A 242 -7.36 -23.77 -10.65
C PHE A 242 -6.14 -24.57 -11.15
N LYS A 243 -5.59 -24.18 -12.30
CA LYS A 243 -4.38 -24.83 -12.86
C LYS A 243 -3.16 -24.69 -11.94
N GLY A 244 -2.87 -23.46 -11.52
CA GLY A 244 -1.73 -23.19 -10.64
C GLY A 244 -1.81 -23.87 -9.29
N LEU A 245 -3.03 -23.94 -8.75
CA LEU A 245 -3.25 -24.53 -7.43
C LEU A 245 -3.26 -26.06 -7.50
N GLN A 246 -3.81 -26.64 -8.57
CA GLN A 246 -3.67 -28.08 -8.81
C GLN A 246 -2.19 -28.46 -8.90
N SER A 247 -1.42 -27.65 -9.63
CA SER A 247 0.01 -27.91 -9.78
C SER A 247 0.76 -27.83 -8.43
N HIS A 248 0.43 -26.82 -7.61
CA HIS A 248 1.03 -26.69 -6.29
C HIS A 248 0.71 -27.89 -5.37
N LEU A 249 -0.53 -28.35 -5.39
CA LEU A 249 -0.97 -29.50 -4.58
C LEU A 249 -0.16 -30.77 -4.91
N LYS A 250 0.12 -30.99 -6.19
CA LYS A 250 0.97 -32.11 -6.62
C LYS A 250 2.35 -32.06 -5.96
N LYS A 251 2.90 -30.86 -5.80
CA LYS A 251 4.24 -30.66 -5.24
C LYS A 251 4.35 -30.92 -3.75
N CYS A 252 3.22 -31.03 -3.05
CA CYS A 252 3.21 -31.19 -1.60
C CYS A 252 3.29 -32.67 -1.16
N GLY A 253 3.33 -33.57 -2.13
CA GLY A 253 3.72 -34.95 -1.89
C GLY A 253 2.68 -35.74 -1.14
N GLY A 254 1.40 -35.51 -1.45
CA GLY A 254 0.30 -36.21 -0.80
C GLY A 254 0.02 -35.84 0.65
N LYS A 255 0.56 -34.71 1.11
CA LYS A 255 0.36 -34.24 2.47
C LYS A 255 -1.07 -33.64 2.62
N TYR A 256 -1.59 -33.07 1.54
CA TYR A 256 -2.87 -32.36 1.54
C TYR A 256 -3.80 -32.92 0.47
N ASN A 257 -5.10 -32.78 0.71
CA ASN A 257 -6.14 -33.26 -0.24
C ASN A 257 -7.21 -32.21 -0.56
N GLN A 258 -6.94 -30.95 -0.22
CA GLN A 258 -7.86 -29.84 -0.41
C GLN A 258 -7.04 -28.55 -0.32
N ILE A 259 -7.35 -27.56 -1.16
CA ILE A 259 -6.83 -26.17 -1.03
C ILE A 259 -7.97 -25.17 -0.82
N LEU A 260 -7.80 -24.32 0.19
CA LEU A 260 -8.59 -23.12 0.35
C LEU A 260 -7.66 -21.95 0.05
N ALA A 261 -7.99 -21.12 -0.94
CA ALA A 261 -7.12 -20.01 -1.37
C ALA A 261 -7.81 -18.65 -1.27
N PHE A 262 -6.99 -17.62 -0.97
CA PHE A 262 -7.44 -16.23 -0.86
C PHE A 262 -6.70 -15.32 -1.87
N ARG A 263 -7.48 -14.49 -2.58
CA ARG A 263 -7.02 -13.37 -3.44
C ARG A 263 -7.50 -12.05 -2.86
N PRO A 264 -6.61 -11.23 -2.26
CA PRO A 264 -7.06 -10.00 -1.52
C PRO A 264 -7.38 -8.72 -2.32
N THR A 265 -8.01 -8.86 -3.48
CA THR A 265 -8.19 -7.80 -4.50
C THR A 265 -8.31 -6.34 -4.01
N ARG A 275 -22.75 -7.92 0.33
CA ARG A 275 -22.06 -7.84 1.62
C ARG A 275 -21.01 -8.95 1.87
N ILE A 276 -20.04 -8.64 2.74
CA ILE A 276 -18.90 -9.54 3.10
C ILE A 276 -19.37 -10.88 3.66
N ALA A 277 -20.43 -10.83 4.49
CA ALA A 277 -21.07 -12.06 5.00
C ALA A 277 -21.50 -13.01 3.89
N ASP A 278 -21.97 -12.44 2.78
CA ASP A 278 -22.52 -13.21 1.65
C ASP A 278 -21.49 -13.66 0.60
N VAL A 279 -20.20 -13.37 0.79
CA VAL A 279 -19.17 -13.71 -0.22
C VAL A 279 -19.01 -15.23 -0.35
N ILE A 280 -19.01 -15.71 -1.59
CA ILE A 280 -18.88 -17.14 -1.89
C ILE A 280 -17.64 -17.38 -2.77
N PRO A 281 -17.07 -18.58 -2.70
CA PRO A 281 -15.90 -18.85 -3.51
C PRO A 281 -16.23 -19.37 -4.89
N GLN A 282 -15.22 -19.37 -5.76
CA GLN A 282 -15.22 -20.15 -7.01
C GLN A 282 -14.63 -21.53 -6.70
N THR A 283 -15.33 -22.60 -7.07
CA THR A 283 -14.91 -23.96 -6.72
C THR A 283 -14.82 -24.87 -7.93
N LYS A 284 -13.72 -25.64 -7.99
CA LYS A 284 -13.58 -26.76 -8.92
C LYS A 284 -13.00 -27.93 -8.13
N GLY A 285 -13.81 -28.98 -7.91
CA GLY A 285 -13.37 -30.16 -7.18
C GLY A 285 -12.97 -29.85 -5.74
N ASN A 286 -11.73 -30.21 -5.38
CA ASN A 286 -11.18 -30.00 -4.03
C ASN A 286 -10.41 -28.65 -3.88
N ILE A 287 -10.67 -27.68 -4.78
CA ILE A 287 -10.07 -26.34 -4.72
C ILE A 287 -11.16 -25.27 -4.67
N SER A 288 -11.06 -24.36 -3.69
CA SER A 288 -11.95 -23.20 -3.55
C SER A 288 -11.10 -21.92 -3.49
N ILE A 289 -11.51 -20.89 -4.24
CA ILE A 289 -10.82 -19.58 -4.28
C ILE A 289 -11.78 -18.45 -3.86
N TYR A 290 -11.40 -17.72 -2.80
CA TYR A 290 -12.16 -16.55 -2.30
C TYR A 290 -11.47 -15.24 -2.70
N GLY A 291 -12.20 -14.34 -3.32
CA GLY A 291 -11.73 -12.96 -3.58
C GLY A 291 -12.26 -12.09 -2.47
N ILE A 292 -11.38 -11.50 -1.65
CA ILE A 292 -11.82 -10.74 -0.47
C ILE A 292 -11.43 -9.26 -0.66
N PRO A 293 -12.34 -8.33 -0.30
CA PRO A 293 -12.12 -6.90 -0.65
C PRO A 293 -11.31 -6.14 0.40
N TYR A 294 -10.04 -6.53 0.51
CA TYR A 294 -9.10 -5.93 1.46
C TYR A 294 -8.42 -4.75 0.76
N SER A 295 -8.82 -3.53 1.12
CA SER A 295 -8.27 -2.31 0.48
C SER A 295 -7.25 -1.58 1.31
N GLU A 296 -6.18 -1.14 0.62
CA GLU A 296 -5.21 -0.19 1.18
C GLU A 296 -5.30 1.22 0.56
N HIS A 297 -6.46 1.52 -0.05
CA HIS A 297 -6.77 2.86 -0.55
C HIS A 297 -8.10 3.32 0.08
N SER A 298 -8.28 4.64 0.18
CA SER A 298 -9.52 5.22 0.70
C SER A 298 -10.76 4.76 -0.08
N SER A 299 -11.85 4.43 0.63
CA SER A 299 -13.17 4.39 0.00
C SER A 299 -13.60 5.84 -0.35
N TYR A 300 -14.64 5.97 -1.17
CA TYR A 300 -15.16 7.32 -1.51
C TYR A 300 -15.50 8.13 -0.23
N LEU A 301 -16.24 7.52 0.68
CA LEU A 301 -16.65 8.23 1.91
C LEU A 301 -15.46 8.59 2.84
N GLU A 302 -14.47 7.71 2.94
CA GLU A 302 -13.26 7.97 3.74
C GLU A 302 -12.51 9.18 3.15
N MET A 303 -12.34 9.17 1.82
CA MET A 303 -11.67 10.28 1.10
C MET A 303 -12.41 11.61 1.30
N LYS A 304 -13.73 11.58 1.10
CA LYS A 304 -14.59 12.76 1.27
C LYS A 304 -14.46 13.35 2.70
N ARG A 305 -14.51 12.48 3.72
CA ARG A 305 -14.39 12.96 5.13
C ARG A 305 -13.04 13.65 5.39
N PHE A 306 -11.96 13.02 4.94
CA PHE A 306 -10.63 13.60 5.08
C PHE A 306 -10.51 14.98 4.41
N VAL A 307 -10.98 15.11 3.16
CA VAL A 307 -10.85 16.35 2.43
C VAL A 307 -11.72 17.45 3.05
N GLN A 308 -12.94 17.10 3.46
CA GLN A 308 -13.83 18.08 4.12
C GLN A 308 -13.31 18.55 5.49
N TRP A 309 -12.53 17.70 6.18
CA TRP A 309 -11.85 18.11 7.42
C TRP A 309 -10.65 19.04 7.14
N LEU A 310 -9.83 18.65 6.16
CA LEU A 310 -8.61 19.39 5.81
C LEU A 310 -8.88 20.78 5.22
N LYS A 311 -9.96 20.90 4.42
CA LYS A 311 -10.38 22.15 3.78
C LYS A 311 -9.26 22.82 2.94
N PRO A 312 -8.66 22.06 2.00
CA PRO A 312 -7.60 22.64 1.17
C PRO A 312 -8.11 23.72 0.20
N GLN A 313 -7.25 24.67 -0.19
CA GLN A 313 -7.63 25.67 -1.20
C GLN A 313 -7.62 25.15 -2.63
N LYS A 314 -6.76 24.17 -2.90
CA LYS A 314 -6.63 23.56 -4.23
C LYS A 314 -6.32 22.07 -4.06
N ILE A 315 -6.99 21.24 -4.87
CA ILE A 315 -6.71 19.80 -4.94
C ILE A 315 -6.17 19.44 -6.30
N ILE A 316 -5.06 18.67 -6.31
CA ILE A 316 -4.46 18.15 -7.52
C ILE A 316 -4.52 16.62 -7.45
N PRO A 317 -5.38 15.98 -8.27
CA PRO A 317 -5.42 14.51 -8.29
C PRO A 317 -4.13 13.89 -8.81
N THR A 318 -3.73 12.75 -8.26
CA THR A 318 -2.55 11.99 -8.74
C THR A 318 -2.90 10.64 -9.37
N VAL A 319 -4.18 10.27 -9.39
CA VAL A 319 -4.64 9.00 -10.00
C VAL A 319 -5.89 9.27 -10.86
N ASN A 320 -6.07 8.48 -11.92
CA ASN A 320 -7.17 8.67 -12.89
C ASN A 320 -7.06 10.00 -13.66
N VAL A 321 -5.84 10.47 -13.87
CA VAL A 321 -5.64 11.77 -14.53
C VAL A 321 -5.53 11.71 -16.06
N GLY A 322 -5.54 10.51 -16.63
CA GLY A 322 -5.28 10.33 -18.05
C GLY A 322 -6.43 10.57 -19.02
N THR A 323 -7.66 10.70 -18.53
CA THR A 323 -8.80 10.96 -19.44
C THR A 323 -9.58 12.19 -19.04
N TRP A 324 -10.12 12.89 -20.05
CA TRP A 324 -10.89 14.10 -19.77
C TRP A 324 -12.15 13.80 -18.95
N LYS A 325 -12.80 12.68 -19.23
CA LYS A 325 -13.98 12.25 -18.46
C LYS A 325 -13.68 11.99 -16.97
N SER A 326 -12.58 11.28 -16.70
CA SER A 326 -12.15 11.03 -15.31
C SER A 326 -11.83 12.32 -14.57
N ARG A 327 -11.09 13.21 -15.24
CA ARG A 327 -10.71 14.50 -14.62
C ARG A 327 -11.97 15.33 -14.30
N SER A 328 -12.93 15.36 -15.23
CA SER A 328 -14.18 16.13 -15.03
C SER A 328 -15.01 15.56 -13.87
N THR A 329 -15.09 14.23 -13.82
CA THR A 329 -15.82 13.54 -12.75
C THR A 329 -15.27 13.92 -11.37
N MET A 330 -13.95 13.84 -11.23
CA MET A 330 -13.31 14.15 -9.93
C MET A 330 -13.52 15.61 -9.55
N GLU A 331 -13.38 16.52 -10.51
N GLU A 331 -13.37 16.53 -10.49
CA GLU A 331 -13.59 17.96 -10.27
CA GLU A 331 -13.59 17.96 -10.19
C GLU A 331 -15.03 18.27 -9.79
C GLU A 331 -15.03 18.25 -9.73
N LYS A 332 -16.02 17.56 -10.31
CA LYS A 332 -17.42 17.69 -9.87
C LYS A 332 -17.59 17.26 -8.41
N TYR A 333 -16.96 16.16 -8.00
CA TYR A 333 -17.03 15.75 -6.58
C TYR A 333 -16.32 16.78 -5.67
N PHE A 334 -15.16 17.28 -6.07
CA PHE A 334 -14.45 18.25 -5.22
C PHE A 334 -15.34 19.49 -4.99
N ARG A 335 -16.03 19.93 -6.03
CA ARG A 335 -16.92 21.11 -5.88
C ARG A 335 -18.13 20.82 -4.99
N GLU A 336 -18.75 19.64 -5.15
N GLU A 336 -18.73 19.64 -5.16
CA GLU A 336 -19.84 19.21 -4.24
CA GLU A 336 -19.81 19.17 -4.29
C GLU A 336 -19.34 19.28 -2.80
C GLU A 336 -19.41 19.13 -2.80
N TRP A 337 -18.19 18.68 -2.54
CA TRP A 337 -17.69 18.58 -1.16
C TRP A 337 -17.47 19.97 -0.52
N LYS A 338 -16.91 20.87 -1.32
CA LYS A 338 -16.64 22.26 -0.94
C LYS A 338 -17.94 23.02 -0.65
N LEU A 339 -18.93 22.89 -1.53
CA LEU A 339 -20.23 23.60 -1.34
C LEU A 339 -21.01 23.06 -0.13
N GLU A 340 -20.95 21.73 0.10
CA GLU A 340 -21.57 21.12 1.26
C GLU A 340 -20.99 21.61 2.60
N ALA A 341 -19.66 21.61 2.70
CA ALA A 341 -18.97 21.98 3.94
C ALA A 341 -18.68 23.47 4.11
N GLY A 342 -18.81 24.27 3.05
CA GLY A 342 -18.68 25.75 3.13
C GLY A 342 -17.28 26.37 3.14
N TYR A 343 -16.28 25.65 2.65
CA TYR A 343 -14.91 26.20 2.53
C TYR A 343 -14.65 26.74 1.12
C1 MLI B . -0.28 -0.08 -6.34
C2 MLI B . -1.40 0.26 -5.38
C3 MLI B . 0.60 1.10 -6.69
O6 MLI B . -2.59 -0.01 -5.63
O7 MLI B . -1.08 0.80 -4.31
O8 MLI B . 0.86 1.31 -7.89
O9 MLI B . 1.07 1.78 -5.75
NI NI C . 0.67 1.82 -3.74
N1 AXJ D . -16.36 4.02 -12.84
C4 AXJ D . -12.06 5.24 -12.30
C5 AXJ D . -13.36 4.55 -11.96
C6 AXJ D . -14.47 5.27 -11.83
C7 AXJ D . -14.32 6.77 -11.99
C8 AXJ D . -13.53 6.98 -13.31
C10 AXJ D . -17.30 2.85 -12.63
C13 AXJ D . -17.00 4.97 -13.83
C15 AXJ D . -12.73 6.76 -9.86
C1 AXJ D . -12.99 8.87 -11.16
C2 AXJ D . -13.06 7.34 -11.24
C3 AXJ D . -12.27 6.73 -12.45
C9 AXJ D . -15.85 4.70 -11.59
C11 AXJ D . -18.49 3.14 -13.48
C12 AXJ D . -18.48 4.62 -13.73
C14 AXJ D . -16.40 4.76 -15.22
O1 AXJ D . -15.65 3.55 -15.27
#